data_5SBV
#
_entry.id   5SBV
#
_cell.length_a   30.950
_cell.length_b   81.647
_cell.length_c   32.097
_cell.angle_alpha   90.000
_cell.angle_beta   117.720
_cell.angle_gamma   90.000
#
_symmetry.space_group_name_H-M   'P 1 21 1'
#
loop_
_entity.id
_entity.type
_entity.pdbx_description
1 polymer 'CD44 antigen'
2 non-polymer 3-cyclohexyl-1-(morpholin-4-yl)propan-1-one
3 non-polymer 'DIMETHYL SULFOXIDE'
4 non-polymer 1,2-ETHANEDIOL
5 water water
#
_entity_poly.entity_id   1
_entity_poly.type   'polypeptide(L)'
_entity_poly.pdbx_seq_one_letter_code
;MNQIDLNVTCRYAGVFHVEKNGRYSISRTEAADLCQAFNSTLPTMDQMKLALSKGFETCRYGFIEGNVVIPRIHPNAICA
ANHTGVYILVTSNTSHYDTYCFNASAPPEEDCTSVTDLPNSFDGPVTITIVNRDGTRYSKKGEYRTHQEDID
;
_entity_poly.pdbx_strand_id   A
#
# COMPACT_ATOMS: atom_id res chain seq x y z
N ASN A 2 18.60 6.76 -9.31
CA ASN A 2 17.85 7.03 -8.08
C ASN A 2 16.36 6.90 -8.39
N GLN A 3 15.85 5.66 -8.32
CA GLN A 3 14.49 5.33 -8.73
C GLN A 3 13.79 4.42 -7.74
N ILE A 4 12.50 4.69 -7.52
CA ILE A 4 11.65 3.84 -6.70
C ILE A 4 10.39 3.53 -7.53
N ASP A 5 10.01 2.24 -7.60
N ASP A 5 10.00 2.24 -7.56
CA ASP A 5 8.79 1.74 -8.27
CA ASP A 5 8.77 1.82 -8.23
C ASP A 5 7.79 1.47 -7.17
C ASP A 5 7.77 1.46 -7.17
N LEU A 6 6.56 1.96 -7.32
CA LEU A 6 5.49 1.73 -6.34
C LEU A 6 4.34 1.06 -7.08
N ASN A 7 4.15 -0.24 -6.91
CA ASN A 7 3.04 -0.96 -7.54
C ASN A 7 1.83 -0.76 -6.66
N VAL A 8 0.75 -0.26 -7.24
CA VAL A 8 -0.50 0.02 -6.51
C VAL A 8 -1.68 -0.79 -7.07
N THR A 9 -2.74 -0.92 -6.26
CA THR A 9 -3.92 -1.66 -6.67
C THR A 9 -5.14 -0.73 -6.83
N CYS A 10 -6.27 -1.35 -7.19
CA CYS A 10 -7.63 -0.82 -7.01
C CYS A 10 -7.74 -0.31 -5.55
N ARG A 11 -8.65 0.63 -5.33
CA ARG A 11 -9.06 1.06 -4.01
C ARG A 11 -10.41 0.45 -3.71
N TYR A 12 -10.56 -0.05 -2.51
CA TYR A 12 -11.82 -0.65 -1.99
C TYR A 12 -12.21 0.09 -0.76
N ALA A 13 -13.30 0.89 -0.80
CA ALA A 13 -13.65 1.73 0.34
C ALA A 13 -12.41 2.59 0.80
N GLY A 14 -11.61 3.03 -0.18
CA GLY A 14 -10.44 3.89 0.04
C GLY A 14 -9.15 3.16 0.38
N VAL A 15 -9.21 1.87 0.61
CA VAL A 15 -8.00 1.10 0.98
C VAL A 15 -7.35 0.53 -0.27
N PHE A 16 -6.04 0.60 -0.31
CA PHE A 16 -5.28 0.02 -1.43
C PHE A 16 -3.95 -0.54 -0.91
N HIS A 17 -3.28 -1.34 -1.73
CA HIS A 17 -2.00 -1.98 -1.43
C HIS A 17 -0.90 -1.31 -2.25
N VAL A 18 0.30 -1.17 -1.62
CA VAL A 18 1.44 -0.57 -2.27
C VAL A 18 2.65 -1.49 -1.98
N GLU A 19 3.32 -1.95 -3.05
CA GLU A 19 4.53 -2.77 -2.97
C GLU A 19 5.65 -1.94 -3.55
N LYS A 20 6.76 -1.85 -2.82
CA LYS A 20 7.91 -1.05 -3.26
CA LYS A 20 7.90 -1.06 -3.27
C LYS A 20 8.99 -1.92 -3.89
N ASN A 21 9.37 -1.59 -5.13
CA ASN A 21 10.46 -2.27 -5.83
C ASN A 21 10.33 -3.77 -5.95
N GLY A 22 9.11 -4.24 -6.08
CA GLY A 22 8.85 -5.64 -6.34
C GLY A 22 9.29 -6.61 -5.27
N ARG A 23 9.47 -6.14 -4.04
CA ARG A 23 9.81 -7.03 -2.94
C ARG A 23 9.41 -6.44 -1.62
N TYR A 24 9.32 -7.28 -0.56
CA TYR A 24 9.00 -6.75 0.78
C TYR A 24 10.14 -5.81 1.21
N SER A 25 9.89 -4.51 1.31
CA SER A 25 11.02 -3.59 1.51
C SER A 25 10.70 -2.32 2.25
N ILE A 26 9.52 -2.27 2.91
CA ILE A 26 9.08 -1.06 3.62
C ILE A 26 9.09 -1.28 5.12
N SER A 27 9.68 -0.37 5.89
CA SER A 27 9.60 -0.42 7.35
C SER A 27 8.28 0.23 7.80
N ARG A 28 7.88 0.06 9.07
CA ARG A 28 6.63 0.72 9.54
C ARG A 28 6.75 2.25 9.40
N THR A 29 7.90 2.86 9.73
CA THR A 29 8.05 4.32 9.57
C THR A 29 7.92 4.76 8.13
N GLU A 30 8.57 4.04 7.21
CA GLU A 30 8.50 4.37 5.79
CA GLU A 30 8.49 4.38 5.80
C GLU A 30 7.05 4.22 5.31
N ALA A 31 6.33 3.21 5.82
CA ALA A 31 4.97 2.99 5.40
C ALA A 31 4.07 4.17 5.69
N ALA A 32 4.19 4.76 6.88
CA ALA A 32 3.36 5.91 7.21
C ALA A 32 3.70 7.09 6.31
N ASP A 33 4.99 7.29 6.00
CA ASP A 33 5.43 8.37 5.10
C ASP A 33 4.96 8.15 3.69
N LEU A 34 4.98 6.91 3.23
CA LEU A 34 4.55 6.57 1.88
CA LEU A 34 4.55 6.51 1.89
C LEU A 34 3.06 6.84 1.73
N CYS A 35 2.24 6.41 2.71
CA CYS A 35 0.80 6.69 2.61
C CYS A 35 0.55 8.19 2.61
N GLN A 36 1.33 8.97 3.39
CA GLN A 36 1.14 10.43 3.45
C GLN A 36 1.38 11.04 2.07
N ALA A 37 2.31 10.51 1.28
CA ALA A 37 2.56 10.99 -0.09
C ALA A 37 1.36 10.79 -1.02
N PHE A 38 0.50 9.81 -0.69
CA PHE A 38 -0.75 9.60 -1.43
C PHE A 38 -1.93 10.31 -0.74
N ASN A 39 -1.67 11.32 0.16
CA ASN A 39 -2.72 11.98 0.95
C ASN A 39 -3.56 10.93 1.71
N SER A 40 -2.87 9.92 2.25
CA SER A 40 -3.48 8.74 2.85
C SER A 40 -2.83 8.39 4.16
N THR A 41 -3.47 7.48 4.90
CA THR A 41 -2.99 7.05 6.19
C THR A 41 -2.95 5.54 6.20
N LEU A 42 -2.27 4.95 7.19
CA LEU A 42 -2.33 3.50 7.36
CA LEU A 42 -2.31 3.50 7.39
C LEU A 42 -3.77 3.16 7.76
N PRO A 43 -4.41 2.18 7.13
CA PRO A 43 -5.81 1.87 7.50
C PRO A 43 -5.93 1.37 8.91
N THR A 44 -7.06 1.66 9.55
CA THR A 44 -7.40 0.98 10.80
C THR A 44 -7.89 -0.42 10.45
N MET A 45 -7.93 -1.32 11.44
CA MET A 45 -8.50 -2.64 11.22
C MET A 45 -9.96 -2.53 10.74
N ASP A 46 -10.76 -1.61 11.33
CA ASP A 46 -12.14 -1.44 10.85
C ASP A 46 -12.21 -1.00 9.40
N GLN A 47 -11.37 -0.06 8.99
CA GLN A 47 -11.34 0.38 7.59
C GLN A 47 -10.97 -0.81 6.68
N MET A 48 -9.97 -1.63 7.10
CA MET A 48 -9.56 -2.77 6.30
C MET A 48 -10.67 -3.82 6.20
N LYS A 49 -11.40 -4.04 7.30
CA LYS A 49 -12.49 -5.04 7.24
C LYS A 49 -13.60 -4.56 6.28
N LEU A 50 -13.90 -3.25 6.26
CA LEU A 50 -14.92 -2.77 5.31
C LEU A 50 -14.43 -2.93 3.88
N ALA A 51 -13.14 -2.65 3.64
CA ALA A 51 -12.55 -2.82 2.28
C ALA A 51 -12.67 -4.29 1.83
N LEU A 52 -12.34 -5.24 2.74
CA LEU A 52 -12.48 -6.66 2.46
CA LEU A 52 -12.47 -6.65 2.41
C LEU A 52 -13.91 -6.99 2.03
N SER A 53 -14.88 -6.47 2.79
CA SER A 53 -16.30 -6.72 2.49
C SER A 53 -16.74 -6.21 1.14
N LYS A 54 -16.05 -5.22 0.58
CA LYS A 54 -16.33 -4.67 -0.76
C LYS A 54 -15.58 -5.41 -1.90
N GLY A 55 -14.72 -6.37 -1.58
CA GLY A 55 -14.05 -7.14 -2.63
C GLY A 55 -12.53 -7.14 -2.55
N PHE A 56 -11.94 -6.49 -1.55
CA PHE A 56 -10.45 -6.42 -1.48
C PHE A 56 -9.78 -7.67 -0.99
N GLU A 57 -8.82 -8.19 -1.75
CA GLU A 57 -7.95 -9.24 -1.26
C GLU A 57 -6.60 -9.10 -1.94
N THR A 58 -5.55 -9.52 -1.25
CA THR A 58 -4.20 -9.59 -1.85
C THR A 58 -3.57 -10.92 -1.39
N CYS A 59 -2.37 -11.19 -1.87
CA CYS A 59 -1.59 -12.32 -1.40
C CYS A 59 -0.26 -11.81 -0.83
N ARG A 60 -0.26 -10.64 -0.20
CA ARG A 60 0.98 -10.06 0.35
C ARG A 60 0.79 -9.43 1.71
N TYR A 61 1.76 -9.64 2.59
CA TYR A 61 1.74 -9.00 3.89
C TYR A 61 1.96 -7.49 3.76
N GLY A 62 1.15 -6.71 4.50
CA GLY A 62 1.37 -5.28 4.51
C GLY A 62 0.90 -4.63 5.80
N PHE A 63 1.54 -3.50 6.15
CA PHE A 63 1.13 -2.80 7.37
C PHE A 63 -0.26 -2.20 7.25
N ILE A 64 -0.99 -2.26 8.33
CA ILE A 64 -2.11 -1.41 8.66
C ILE A 64 -1.69 -0.75 10.01
N GLU A 65 -2.57 0.06 10.62
CA GLU A 65 -2.30 0.63 11.94
CA GLU A 65 -2.25 0.61 11.92
C GLU A 65 -2.31 -0.54 12.92
N GLY A 66 -1.19 -0.75 13.59
CA GLY A 66 -1.11 -1.76 14.64
C GLY A 66 -0.76 -3.18 14.29
N ASN A 67 -0.89 -3.58 13.03
CA ASN A 67 -0.65 -4.97 12.66
C ASN A 67 -0.13 -5.07 11.23
N VAL A 68 0.32 -6.26 10.85
CA VAL A 68 0.70 -6.62 9.48
C VAL A 68 -0.30 -7.71 9.08
N VAL A 69 -0.99 -7.49 7.92
CA VAL A 69 -2.08 -8.36 7.56
C VAL A 69 -2.08 -8.72 6.07
N ILE A 70 -2.95 -9.70 5.74
CA ILE A 70 -3.34 -10.06 4.41
C ILE A 70 -4.88 -10.15 4.36
N PRO A 71 -5.58 -9.29 3.58
CA PRO A 71 -7.04 -9.47 3.43
C PRO A 71 -7.28 -10.61 2.44
N ARG A 72 -8.11 -11.58 2.84
CA ARG A 72 -8.43 -12.74 1.99
C ARG A 72 -9.91 -12.99 1.84
N ILE A 73 -10.34 -13.19 0.60
CA ILE A 73 -11.74 -13.54 0.34
C ILE A 73 -11.83 -15.01 -0.01
N HIS A 74 -10.99 -15.47 -0.95
CA HIS A 74 -11.06 -16.85 -1.43
C HIS A 74 -9.91 -17.63 -0.83
N PRO A 75 -10.19 -18.79 -0.21
CA PRO A 75 -9.10 -19.58 0.36
C PRO A 75 -8.08 -20.01 -0.70
N ASN A 76 -6.80 -19.79 -0.42
CA ASN A 76 -5.74 -20.21 -1.32
C ASN A 76 -4.64 -20.70 -0.41
N ALA A 77 -4.16 -21.95 -0.63
CA ALA A 77 -3.13 -22.54 0.23
C ALA A 77 -1.81 -21.75 0.36
N ILE A 78 -1.44 -20.96 -0.66
CA ILE A 78 -0.20 -20.18 -0.63
C ILE A 78 -0.42 -18.70 -0.24
N CYS A 79 -1.64 -18.32 0.19
CA CYS A 79 -1.91 -16.96 0.62
C CYS A 79 -2.54 -17.05 2.00
N ALA A 80 -1.81 -16.63 3.03
CA ALA A 80 -2.27 -16.65 4.42
C ALA A 80 -2.74 -18.03 4.87
N ALA A 81 -2.00 -19.07 4.51
CA ALA A 81 -2.29 -20.45 4.92
C ALA A 81 -3.76 -20.87 4.74
N ASN A 82 -4.37 -20.51 3.59
CA ASN A 82 -5.75 -20.89 3.25
C ASN A 82 -6.84 -20.20 4.08
N HIS A 83 -6.49 -19.20 4.88
CA HIS A 83 -7.47 -18.49 5.69
C HIS A 83 -8.28 -17.50 4.86
N THR A 84 -9.43 -17.09 5.40
CA THR A 84 -10.23 -16.01 4.84
C THR A 84 -10.36 -14.94 5.92
N GLY A 85 -10.78 -13.75 5.52
CA GLY A 85 -10.89 -12.63 6.44
C GLY A 85 -9.62 -11.81 6.45
N VAL A 86 -9.50 -10.87 7.37
CA VAL A 86 -8.27 -10.10 7.51
C VAL A 86 -7.30 -10.96 8.35
N TYR A 87 -6.39 -11.65 7.65
CA TYR A 87 -5.43 -12.52 8.34
C TYR A 87 -4.35 -11.68 8.95
N ILE A 88 -4.12 -11.91 10.24
CA ILE A 88 -3.10 -11.17 11.00
C ILE A 88 -1.83 -11.98 11.16
N LEU A 89 -0.70 -11.39 10.74
CA LEU A 89 0.61 -12.05 10.96
C LEU A 89 0.90 -12.04 12.45
N VAL A 90 1.19 -13.24 13.02
CA VAL A 90 1.50 -13.34 14.46
C VAL A 90 2.98 -13.46 14.75
N THR A 91 3.69 -14.37 14.06
CA THR A 91 5.08 -14.61 14.37
C THR A 91 5.99 -14.45 13.16
N SER A 92 6.90 -13.49 13.24
CA SER A 92 7.88 -13.28 12.17
C SER A 92 9.17 -12.75 12.79
N ASN A 93 10.31 -13.14 12.24
CA ASN A 93 11.56 -12.56 12.74
C ASN A 93 11.81 -11.15 12.25
N THR A 94 11.19 -10.77 11.10
CA THR A 94 11.60 -9.65 10.27
C THR A 94 10.65 -8.49 10.23
N SER A 95 11.16 -7.30 9.82
CA SER A 95 10.43 -6.04 10.00
C SER A 95 9.93 -5.37 8.74
N HIS A 96 10.27 -5.88 7.53
CA HIS A 96 9.92 -5.15 6.29
C HIS A 96 8.87 -5.87 5.48
N TYR A 97 7.82 -5.12 5.11
CA TYR A 97 6.69 -5.72 4.40
C TYR A 97 6.26 -4.77 3.28
N ASP A 98 5.07 -4.99 2.68
CA ASP A 98 4.48 -3.98 1.80
C ASP A 98 3.65 -3.07 2.78
N THR A 99 2.81 -2.19 2.22
CA THR A 99 1.89 -1.43 3.06
C THR A 99 0.54 -1.36 2.43
N TYR A 100 -0.44 -1.13 3.28
CA TYR A 100 -1.78 -0.73 2.86
C TYR A 100 -1.87 0.76 3.21
N CYS A 101 -2.74 1.47 2.48
CA CYS A 101 -3.00 2.91 2.65
C CYS A 101 -4.49 3.14 2.50
N PHE A 102 -4.98 4.20 3.11
CA PHE A 102 -6.40 4.54 3.13
C PHE A 102 -6.55 6.00 2.74
N ASN A 103 -7.34 6.25 1.70
CA ASN A 103 -7.62 7.62 1.24
C ASN A 103 -9.11 7.84 1.40
N ALA A 104 -9.46 8.74 2.31
CA ALA A 104 -10.85 9.02 2.65
C ALA A 104 -11.67 9.60 1.54
N SER A 105 -11.01 10.21 0.53
CA SER A 105 -11.69 10.83 -0.61
CA SER A 105 -11.74 10.83 -0.58
C SER A 105 -11.97 9.91 -1.78
N ALA A 106 -11.54 8.64 -1.69
CA ALA A 106 -11.75 7.67 -2.74
C ALA A 106 -13.25 7.28 -2.75
N PRO A 107 -13.71 6.57 -3.78
CA PRO A 107 -15.11 6.10 -3.80
C PRO A 107 -15.44 5.08 -2.70
N PRO A 108 -16.73 4.95 -2.34
CA PRO A 108 -17.08 4.09 -1.22
C PRO A 108 -16.91 2.59 -1.42
N GLU A 109 -16.95 2.11 -2.69
CA GLU A 109 -16.90 0.69 -2.91
C GLU A 109 -15.67 0.35 -3.78
N GLU A 110 -15.79 -0.46 -4.83
CA GLU A 110 -14.64 -0.84 -5.65
C GLU A 110 -14.31 0.28 -6.62
N ASP A 111 -13.07 0.72 -6.62
CA ASP A 111 -12.58 1.69 -7.56
C ASP A 111 -11.36 1.06 -8.25
N CYS A 112 -11.57 0.50 -9.44
CA CYS A 112 -10.49 -0.12 -10.19
C CYS A 112 -10.02 0.74 -11.34
N THR A 113 -10.13 2.07 -11.16
CA THR A 113 -9.46 2.99 -12.08
C THR A 113 -8.00 3.04 -11.63
N SER A 114 -7.12 3.50 -12.51
CA SER A 114 -5.71 3.62 -12.21
C SER A 114 -5.38 4.87 -11.42
N VAL A 115 -4.25 4.81 -10.70
CA VAL A 115 -3.71 5.95 -9.94
C VAL A 115 -2.83 6.75 -10.90
N THR A 116 -3.12 8.05 -11.04
CA THR A 116 -2.47 8.94 -12.02
C THR A 116 -1.76 10.15 -11.37
N ASP A 117 -1.52 10.09 -10.06
CA ASP A 117 -0.84 11.19 -9.37
C ASP A 117 -0.23 10.69 -8.06
N LEU A 118 0.80 11.39 -7.56
CA LEU A 118 1.40 11.13 -6.23
C LEU A 118 1.27 12.55 -5.65
N PRO A 119 0.10 12.89 -5.11
CA PRO A 119 -0.23 14.30 -4.84
C PRO A 119 0.49 15.03 -3.73
N ASN A 120 1.02 14.29 -2.78
CA ASN A 120 1.62 14.90 -1.61
C ASN A 120 3.06 14.52 -1.39
N SER A 121 3.78 14.18 -2.48
CA SER A 121 5.22 13.94 -2.34
C SER A 121 5.91 15.30 -2.16
N PHE A 122 7.08 15.26 -1.55
CA PHE A 122 7.79 16.51 -1.34
CA PHE A 122 7.86 16.45 -1.27
C PHE A 122 8.96 16.62 -2.33
N ASP A 123 9.61 17.80 -2.33
CA ASP A 123 10.74 18.02 -3.25
C ASP A 123 11.86 17.03 -2.92
N GLY A 124 12.52 16.53 -3.94
CA GLY A 124 13.59 15.56 -3.74
C GLY A 124 14.19 15.08 -5.04
N PRO A 125 15.20 14.22 -4.92
CA PRO A 125 15.97 13.79 -6.12
C PRO A 125 15.55 12.46 -6.74
N VAL A 126 14.61 11.75 -6.14
CA VAL A 126 14.25 10.40 -6.58
C VAL A 126 13.23 10.39 -7.70
N THR A 127 13.42 9.56 -8.73
CA THR A 127 12.37 9.41 -9.75
C THR A 127 11.41 8.33 -9.21
N ILE A 128 10.21 8.75 -8.80
CA ILE A 128 9.25 7.83 -8.21
C ILE A 128 8.26 7.46 -9.27
N THR A 129 8.07 6.17 -9.51
CA THR A 129 7.11 5.73 -10.53
C THR A 129 5.98 4.91 -9.95
N ILE A 130 4.76 5.37 -10.15
CA ILE A 130 3.58 4.62 -9.74
CA ILE A 130 3.58 4.63 -9.75
C ILE A 130 3.30 3.68 -10.88
N VAL A 131 3.19 2.41 -10.57
CA VAL A 131 2.90 1.35 -11.52
C VAL A 131 1.55 0.73 -11.18
N ASN A 132 0.60 0.87 -12.08
CA ASN A 132 -0.71 0.24 -11.91
C ASN A 132 -0.69 -1.21 -12.34
N ARG A 133 -1.69 -2.00 -11.94
CA ARG A 133 -1.79 -3.40 -12.29
CA ARG A 133 -1.77 -3.40 -12.30
C ARG A 133 -1.94 -3.58 -13.81
N ASP A 134 -2.58 -2.61 -14.47
CA ASP A 134 -2.71 -2.62 -15.93
C ASP A 134 -1.45 -2.09 -16.66
N GLY A 135 -0.38 -1.79 -15.90
CA GLY A 135 0.90 -1.37 -16.46
C GLY A 135 1.06 0.12 -16.69
N THR A 136 -0.05 0.89 -16.58
CA THR A 136 0.06 2.32 -16.81
C THR A 136 0.89 2.94 -15.71
N ARG A 137 1.68 3.93 -16.07
CA ARG A 137 2.61 4.56 -15.13
CA ARG A 137 2.62 4.57 -15.14
C ARG A 137 2.50 6.06 -15.03
N TYR A 138 2.84 6.57 -13.85
CA TYR A 138 2.93 7.99 -13.57
C TYR A 138 4.26 8.17 -12.84
N SER A 139 5.11 9.07 -13.33
CA SER A 139 6.40 9.32 -12.69
C SER A 139 6.57 10.76 -12.31
N LYS A 140 7.25 10.98 -11.18
CA LYS A 140 7.57 12.32 -10.77
CA LYS A 140 7.44 12.30 -10.63
C LYS A 140 8.78 12.31 -9.87
N LYS A 141 9.53 13.42 -9.93
CA LYS A 141 10.76 13.56 -9.15
C LYS A 141 10.38 14.06 -7.78
N GLY A 142 10.86 13.41 -6.74
CA GLY A 142 10.54 13.85 -5.38
C GLY A 142 11.14 12.97 -4.32
N GLU A 143 10.51 13.02 -3.17
CA GLU A 143 10.90 12.22 -2.01
C GLU A 143 9.66 12.13 -1.11
N TYR A 144 9.57 11.06 -0.32
CA TYR A 144 8.49 10.92 0.66
C TYR A 144 9.05 10.49 2.02
N ARG A 145 10.30 10.00 2.10
CA ARG A 145 10.86 9.50 3.35
C ARG A 145 11.34 10.61 4.27
N THR A 146 10.84 10.65 5.51
CA THR A 146 11.24 11.67 6.49
C THR A 146 12.24 11.14 7.52
N HIS A 147 12.47 9.81 7.61
CA HIS A 147 13.40 9.19 8.57
C HIS A 147 14.67 8.75 7.86
N GLN A 148 15.85 9.21 8.31
CA GLN A 148 17.13 8.86 7.68
C GLN A 148 17.37 7.36 7.53
N GLU A 149 17.07 6.56 8.57
CA GLU A 149 17.28 5.11 8.54
C GLU A 149 16.54 4.39 7.41
N ASP A 150 15.48 5.02 6.86
CA ASP A 150 14.75 4.45 5.73
C ASP A 150 15.36 4.83 4.37
N ILE A 151 16.36 5.71 4.32
CA ILE A 151 16.97 6.13 3.05
C ILE A 151 18.29 5.43 2.75
#